data_7P24
#
_entry.id   7P24
#
_cell.length_a   42.129
_cell.length_b   69.780
_cell.length_c   96.286
_cell.angle_alpha   90.000
_cell.angle_beta   97.644
_cell.angle_gamma   90.000
#
_symmetry.space_group_name_H-M   'P 1 21 1'
#
loop_
_entity.id
_entity.type
_entity.pdbx_description
1 polymer 'Mucin-desulfating sulfatase'
2 non-polymer 2-acetamido-2-deoxy-6-O-sulfo-beta-D-glucopyranose
3 non-polymer 2-acetamido-2-deoxy-6-O-sulfo-alpha-D-glucopyranose
4 non-polymer 'CALCIUM ION'
5 water water
#
_entity_poly.entity_id   1
_entity_poly.type   'polypeptide(L)'
_entity_poly.pdbx_seq_one_letter_code
;MGSSHHHHHHSSGLVPRGSHMASQKPLNIVYIMTDDHTAQMMSCYDTRYMETPNLDRIAEEGVLFTNSFVANSLSGPSRA
CMITGKHSCANKFYDNTTCVFDSAQQTFPKLLQKAGYQTALVGKWHLESLPSGFNYWEIVPGQGDYYNPDFITQNNDTIR
KHGYITNLITDDAIDWMEHKRDLDKPFCLLIHHKAIHRNWLADTCNLALYEDKTFPLPDNFFDDYEGRPAAASQEMSIAK
DMDMIYDLKMLRPDKDSRLKALYEKYIGRMDKAQRAAWDKFYDPIIADFYRQNLQGKELANWKFQRYMRDYMKTVKSLDD
NVGRVFDYLKKKGLLDNTLVVYTSDQGFYMGEHGWFDKRFMYEESMRTPLIMRLPKGFDRRGKITEMVQNIDYAPTFLEL
AGAPVPEDIHGVSLVPLLKGEHPQDWRTALYYHFYEYPAEHMVKRHYGIRTERYKLIHFYNNINWWELYDLQADPTEMHN
LYGQPEYESIAEELKVEMEKLQEQYNDPVRFSPERDKE
;
_entity_poly.pdbx_strand_id   AAA
#
# COMPACT_ATOMS: atom_id res chain seq x y z
N LYS A 25 -1.24 -25.85 18.47
CA LYS A 25 0.05 -25.34 17.94
C LYS A 25 0.05 -23.81 17.98
N PRO A 26 1.19 -23.14 17.72
CA PRO A 26 1.22 -21.69 17.55
C PRO A 26 0.21 -21.18 16.51
N LEU A 27 -0.12 -19.89 16.59
N LEU A 27 -0.01 -19.87 16.52
CA LEU A 27 -1.02 -19.20 15.64
CA LEU A 27 -1.01 -19.14 15.70
C LEU A 27 -0.45 -19.23 14.23
C LEU A 27 -0.52 -19.00 14.24
N ASN A 28 -1.33 -19.39 13.26
CA ASN A 28 -0.97 -19.14 11.85
C ASN A 28 -1.18 -17.66 11.53
N ILE A 29 -0.58 -17.21 10.45
CA ILE A 29 -0.77 -15.83 9.96
C ILE A 29 -1.06 -15.91 8.48
N VAL A 30 -2.13 -15.25 8.05
CA VAL A 30 -2.40 -14.99 6.63
C VAL A 30 -2.39 -13.48 6.45
N TYR A 31 -1.38 -13.00 5.73
CA TYR A 31 -1.14 -11.56 5.55
C TYR A 31 -1.42 -11.23 4.11
N ILE A 32 -2.44 -10.42 3.88
CA ILE A 32 -2.88 -10.04 2.53
C ILE A 32 -2.54 -8.58 2.34
N MET A 33 -1.71 -8.28 1.34
CA MET A 33 -1.33 -6.88 1.13
C MET A 33 -1.50 -6.54 -0.33
N THR A 34 -2.25 -5.49 -0.58
CA THR A 34 -2.44 -4.94 -1.92
C THR A 34 -1.39 -3.88 -2.22
N ASP A 35 -1.50 -3.39 -3.44
CA ASP A 35 -0.59 -2.40 -4.01
C ASP A 35 -1.44 -1.18 -4.32
N ASP A 36 -1.30 -0.11 -3.56
CA ASP A 36 -2.02 1.15 -3.84
C ASP A 36 -3.51 1.03 -3.55
N HIS A 37 -3.95 0.10 -2.71
CA HIS A 37 -5.29 0.24 -2.12
C HIS A 37 -5.21 1.31 -1.05
N THR A 38 -6.33 1.77 -0.55
CA THR A 38 -6.33 2.94 0.36
C THR A 38 -7.65 2.96 1.10
N ALA A 39 -7.63 3.58 2.26
CA ALA A 39 -8.82 3.62 3.13
C ALA A 39 -10.01 4.24 2.41
N GLN A 40 -9.79 5.23 1.56
CA GLN A 40 -10.92 5.94 0.91
C GLN A 40 -11.74 4.95 0.08
N MET A 41 -11.13 3.83 -0.34
N MET A 41 -11.14 3.84 -0.33
CA MET A 41 -11.76 2.84 -1.23
CA MET A 41 -11.78 2.86 -1.23
C MET A 41 -12.03 1.53 -0.47
C MET A 41 -12.07 1.55 -0.49
N MET A 42 -12.35 1.64 0.81
CA MET A 42 -12.75 0.50 1.66
C MET A 42 -13.95 0.94 2.48
N SER A 43 -15.06 0.24 2.40
CA SER A 43 -16.28 0.74 3.06
C SER A 43 -16.18 0.68 4.58
N CYS A 44 -15.30 -0.14 5.16
CA CYS A 44 -15.11 -0.13 6.63
C CYS A 44 -14.43 1.18 7.08
N TYR A 45 -13.79 1.91 6.17
CA TYR A 45 -13.20 3.23 6.45
C TYR A 45 -14.03 4.37 5.89
N ASP A 46 -14.64 4.21 4.72
CA ASP A 46 -15.13 5.37 3.94
C ASP A 46 -16.26 4.88 3.07
N THR A 47 -17.42 5.49 3.18
CA THR A 47 -18.56 5.04 2.36
C THR A 47 -18.82 5.99 1.19
N ARG A 48 -17.88 6.84 0.82
CA ARG A 48 -18.15 7.75 -0.32
C ARG A 48 -18.18 7.01 -1.65
N TYR A 49 -17.36 5.98 -1.84
CA TYR A 49 -17.08 5.49 -3.20
C TYR A 49 -17.44 4.02 -3.44
N MET A 50 -16.80 3.13 -2.69
N MET A 50 -17.06 3.15 -2.50
CA MET A 50 -16.69 1.69 -3.01
CA MET A 50 -16.75 1.72 -2.76
C MET A 50 -17.24 0.87 -1.84
C MET A 50 -17.47 0.83 -1.74
N GLU A 51 -17.99 -0.17 -2.15
N GLU A 51 -18.05 -0.29 -2.18
CA GLU A 51 -18.37 -1.23 -1.18
CA GLU A 51 -18.49 -1.40 -1.28
C GLU A 51 -17.34 -2.34 -1.27
C GLU A 51 -17.40 -2.46 -1.29
N THR A 52 -16.79 -2.75 -0.14
CA THR A 52 -15.80 -3.83 -0.05
C THR A 52 -16.28 -4.80 1.00
N PRO A 53 -17.34 -5.58 0.72
CA PRO A 53 -17.94 -6.39 1.77
C PRO A 53 -17.00 -7.46 2.32
N ASN A 54 -16.17 -8.05 1.48
CA ASN A 54 -15.26 -9.12 1.97
C ASN A 54 -14.14 -8.52 2.81
N LEU A 55 -13.55 -7.40 2.40
CA LEU A 55 -12.57 -6.75 3.29
C LEU A 55 -13.23 -6.38 4.61
N ASP A 56 -14.46 -5.88 4.54
CA ASP A 56 -15.13 -5.40 5.76
C ASP A 56 -15.36 -6.58 6.71
N ARG A 57 -15.53 -7.80 6.22
N ARG A 57 -15.58 -7.78 6.18
CA ARG A 57 -15.80 -8.96 7.11
CA ARG A 57 -15.73 -9.02 7.01
C ARG A 57 -14.54 -9.32 7.92
C ARG A 57 -14.56 -9.15 7.98
N ILE A 58 -13.35 -8.95 7.45
CA ILE A 58 -12.10 -9.13 8.24
C ILE A 58 -12.16 -8.19 9.44
N ALA A 59 -12.43 -6.91 9.21
CA ALA A 59 -12.52 -5.94 10.31
C ALA A 59 -13.68 -6.27 11.23
N GLU A 60 -14.81 -6.70 10.66
CA GLU A 60 -16.02 -6.92 11.47
C GLU A 60 -15.75 -7.97 12.54
N GLU A 61 -15.03 -9.04 12.18
CA GLU A 61 -14.65 -10.12 13.12
C GLU A 61 -13.29 -9.81 13.75
N GLY A 62 -12.99 -8.55 13.90
CA GLY A 62 -11.70 -8.18 14.50
C GLY A 62 -11.63 -6.71 14.74
N VAL A 63 -10.54 -6.11 14.28
CA VAL A 63 -10.21 -4.71 14.59
C VAL A 63 -9.82 -3.96 13.31
N LEU A 64 -9.96 -2.66 13.40
CA LEU A 64 -9.57 -1.71 12.35
C LEU A 64 -8.71 -0.65 13.01
N PHE A 65 -7.57 -0.35 12.40
CA PHE A 65 -6.63 0.66 12.93
C PHE A 65 -6.95 1.99 12.25
N THR A 66 -7.30 2.98 13.05
CA THR A 66 -7.68 4.30 12.51
C THR A 66 -6.48 5.18 12.24
N ASN A 67 -5.33 4.88 12.84
CA ASN A 67 -4.12 5.71 12.75
C ASN A 67 -2.96 4.80 12.38
N SER A 68 -3.05 4.28 11.16
CA SER A 68 -2.08 3.31 10.58
C SER A 68 -1.31 3.99 9.46
N PHE A 69 0.01 3.88 9.50
CA PHE A 69 0.90 4.64 8.61
C PHE A 69 1.99 3.75 8.04
N VAL A 70 2.71 4.34 7.09
CA VAL A 70 3.95 3.73 6.58
C VAL A 70 5.11 4.66 6.89
N ALA A 71 6.32 4.14 6.76
CA ALA A 71 7.58 4.84 7.06
C ALA A 71 8.19 5.52 5.82
N ASN A 72 7.72 5.15 4.64
CA ASN A 72 8.28 5.56 3.33
C ASN A 72 7.23 5.11 2.32
N SER A 73 6.49 6.05 1.72
CA SER A 73 5.26 5.72 0.96
C SER A 73 5.60 5.36 -0.49
N LEU A 74 6.12 4.15 -0.64
CA LEU A 74 6.52 3.60 -1.95
C LEU A 74 6.60 2.09 -1.77
N SER A 75 6.25 1.35 -2.81
CA SER A 75 6.09 -0.12 -2.74
C SER A 75 7.33 -0.83 -2.20
N GLY A 76 8.44 -0.73 -2.90
CA GLY A 76 9.62 -1.52 -2.50
C GLY A 76 10.05 -1.16 -1.08
N PRO A 77 10.19 0.13 -0.78
CA PRO A 77 10.57 0.53 0.58
C PRO A 77 9.58 0.03 1.62
N SER A 78 8.28 0.08 1.32
CA SER A 78 7.26 -0.40 2.27
C SER A 78 7.45 -1.90 2.51
N ARG A 79 7.71 -2.65 1.45
CA ARG A 79 7.88 -4.12 1.55
C ARG A 79 9.13 -4.44 2.37
N ALA A 80 10.20 -3.65 2.22
CA ALA A 80 11.41 -3.84 3.03
C ALA A 80 11.12 -3.51 4.50
N CYS A 81 10.40 -2.41 4.75
CA CYS A 81 10.00 -2.05 6.12
C CYS A 81 9.17 -3.17 6.75
N MET A 82 8.22 -3.69 5.98
N MET A 82 8.25 -3.69 5.98
CA MET A 82 7.34 -4.77 6.45
CA MET A 82 7.34 -4.73 6.49
C MET A 82 8.17 -5.96 6.93
C MET A 82 8.15 -5.97 6.91
N ILE A 83 9.10 -6.43 6.10
CA ILE A 83 9.75 -7.73 6.44
C ILE A 83 10.85 -7.51 7.47
N THR A 84 11.38 -6.30 7.62
CA THR A 84 12.50 -6.08 8.56
C THR A 84 12.05 -5.45 9.87
N GLY A 85 10.91 -4.76 9.91
CA GLY A 85 10.55 -3.97 11.10
C GLY A 85 11.41 -2.74 11.26
N LYS A 86 12.04 -2.26 10.17
CA LYS A 86 13.00 -1.15 10.25
C LYS A 86 12.69 -0.10 9.21
N HIS A 87 12.96 1.13 9.57
CA HIS A 87 13.00 2.26 8.63
C HIS A 87 14.00 1.97 7.50
N SER A 88 13.81 2.65 6.39
CA SER A 88 14.69 2.53 5.21
C SER A 88 16.15 2.79 5.57
N CYS A 89 16.41 3.74 6.46
CA CYS A 89 17.79 4.09 6.82
C CYS A 89 18.53 2.87 7.37
N ALA A 90 17.83 1.91 7.97
CA ALA A 90 18.47 0.70 8.51
C ALA A 90 18.34 -0.50 7.56
N ASN A 91 17.25 -0.65 6.82
CA ASN A 91 17.12 -1.81 5.90
C ASN A 91 17.80 -1.54 4.56
N LYS A 92 18.10 -0.27 4.27
CA LYS A 92 18.90 0.22 3.11
C LYS A 92 18.14 0.11 1.80
N PHE A 93 16.83 -0.15 1.82
CA PHE A 93 16.02 -0.21 0.58
C PHE A 93 15.19 1.07 0.49
N TYR A 94 15.73 2.07 -0.22
CA TYR A 94 15.25 3.46 -0.13
C TYR A 94 14.18 3.78 -1.17
N ASP A 95 14.20 3.09 -2.31
CA ASP A 95 13.37 3.51 -3.46
C ASP A 95 13.12 2.27 -4.33
N ASN A 96 12.42 2.45 -5.44
CA ASN A 96 12.11 1.36 -6.39
C ASN A 96 13.10 1.31 -7.55
N THR A 97 14.06 2.22 -7.59
CA THR A 97 14.83 2.49 -8.82
C THR A 97 16.33 2.30 -8.65
N THR A 98 16.87 2.33 -7.45
CA THR A 98 18.34 2.28 -7.26
C THR A 98 18.77 1.20 -6.28
N CYS A 99 17.84 0.42 -5.74
CA CYS A 99 18.17 -0.50 -4.63
C CYS A 99 17.86 -1.94 -4.98
N VAL A 100 18.66 -2.81 -4.38
CA VAL A 100 18.46 -4.28 -4.40
C VAL A 100 18.52 -4.72 -2.95
N PHE A 101 17.46 -5.36 -2.46
CA PHE A 101 17.42 -5.75 -1.04
C PHE A 101 18.52 -6.76 -0.74
N ASP A 102 19.34 -6.48 0.25
CA ASP A 102 20.34 -7.47 0.69
C ASP A 102 19.62 -8.44 1.61
N SER A 103 19.24 -9.56 1.02
CA SER A 103 18.46 -10.60 1.72
C SER A 103 19.28 -11.31 2.79
N ALA A 104 20.59 -11.04 2.93
CA ALA A 104 21.35 -11.59 4.06
C ALA A 104 20.84 -11.03 5.39
N GLN A 105 20.22 -9.85 5.38
CA GLN A 105 19.82 -9.20 6.62
C GLN A 105 18.65 -9.94 7.26
N GLN A 106 18.42 -9.61 8.51
CA GLN A 106 17.36 -10.25 9.30
C GLN A 106 15.99 -9.88 8.76
N THR A 107 15.12 -10.86 8.57
CA THR A 107 13.74 -10.60 8.16
C THR A 107 12.83 -11.52 8.96
N PHE A 108 11.58 -11.12 9.12
CA PHE A 108 10.69 -11.95 9.95
C PHE A 108 10.39 -13.29 9.32
N PRO A 109 10.31 -13.46 7.98
CA PRO A 109 10.09 -14.82 7.47
C PRO A 109 11.21 -15.77 7.92
N LYS A 110 12.47 -15.35 7.83
N LYS A 110 12.45 -15.30 7.82
CA LYS A 110 13.57 -16.23 8.27
CA LYS A 110 13.63 -16.09 8.24
C LYS A 110 13.48 -16.49 9.78
C LYS A 110 13.52 -16.43 9.73
N LEU A 111 13.14 -15.46 10.56
CA LEU A 111 13.02 -15.68 12.02
C LEU A 111 11.88 -16.63 12.33
N LEU A 112 10.79 -16.56 11.60
CA LEU A 112 9.66 -17.50 11.84
C LEU A 112 10.09 -18.93 11.50
N GLN A 113 10.82 -19.13 10.41
CA GLN A 113 11.31 -20.51 10.12
C GLN A 113 12.17 -21.00 11.29
N LYS A 114 12.99 -20.13 11.86
CA LYS A 114 13.90 -20.50 12.97
C LYS A 114 13.10 -20.80 14.23
N ALA A 115 11.83 -20.39 14.30
CA ALA A 115 10.92 -20.66 15.42
C ALA A 115 9.97 -21.83 15.09
N GLY A 116 10.23 -22.55 14.00
CA GLY A 116 9.46 -23.78 13.70
C GLY A 116 8.29 -23.56 12.76
N TYR A 117 8.15 -22.38 12.17
CA TYR A 117 7.09 -22.13 11.18
C TYR A 117 7.53 -22.59 9.80
N GLN A 118 6.54 -22.87 8.98
CA GLN A 118 6.70 -22.81 7.53
C GLN A 118 6.19 -21.46 7.05
N THR A 119 6.78 -20.99 5.95
CA THR A 119 6.49 -19.67 5.40
C THR A 119 6.26 -19.80 3.90
N ALA A 120 5.36 -18.98 3.40
CA ALA A 120 5.00 -19.03 1.97
C ALA A 120 4.68 -17.63 1.49
N LEU A 121 4.97 -17.38 0.22
CA LEU A 121 4.75 -16.08 -0.43
C LEU A 121 4.23 -16.31 -1.84
N VAL A 122 3.15 -15.61 -2.17
N VAL A 122 3.16 -15.61 -2.18
CA VAL A 122 2.65 -15.57 -3.56
CA VAL A 122 2.59 -15.60 -3.55
C VAL A 122 2.45 -14.12 -3.97
C VAL A 122 2.42 -14.14 -3.98
N GLY A 123 2.83 -13.83 -5.21
CA GLY A 123 2.49 -12.55 -5.84
C GLY A 123 3.64 -11.59 -5.92
N LYS A 124 3.40 -10.33 -5.60
CA LYS A 124 4.37 -9.25 -5.77
C LYS A 124 5.39 -9.28 -4.63
N TRP A 125 6.67 -9.21 -4.98
CA TRP A 125 7.77 -9.15 -4.00
C TRP A 125 8.42 -7.77 -4.06
N HIS A 126 8.97 -7.43 -5.22
CA HIS A 126 9.40 -6.04 -5.54
C HIS A 126 10.61 -5.61 -4.73
N LEU A 127 11.46 -6.57 -4.36
CA LEU A 127 12.69 -6.26 -3.60
C LEU A 127 13.94 -6.63 -4.40
N GLU A 128 13.77 -7.04 -5.66
CA GLU A 128 14.83 -7.29 -6.67
C GLU A 128 15.53 -8.62 -6.38
N SER A 129 16.13 -8.79 -5.22
CA SER A 129 16.70 -10.10 -4.84
C SER A 129 15.58 -11.12 -4.69
N LEU A 130 15.92 -12.39 -4.84
CA LEU A 130 14.91 -13.44 -4.72
C LEU A 130 14.45 -13.53 -3.27
N PRO A 131 13.19 -13.92 -3.03
CA PRO A 131 12.73 -14.10 -1.66
C PRO A 131 13.61 -15.10 -0.92
N SER A 132 13.92 -14.81 0.33
N SER A 132 13.92 -14.76 0.34
CA SER A 132 14.59 -15.78 1.22
CA SER A 132 14.67 -15.59 1.32
C SER A 132 13.80 -15.87 2.51
C SER A 132 13.77 -15.86 2.52
N GLY A 133 13.93 -17.01 3.15
CA GLY A 133 13.14 -17.31 4.36
C GLY A 133 11.75 -17.83 4.07
N PHE A 134 11.50 -18.35 2.87
CA PHE A 134 10.22 -18.93 2.46
C PHE A 134 10.39 -20.38 2.05
N ASN A 135 9.61 -21.26 2.69
N ASN A 135 9.63 -21.28 2.67
CA ASN A 135 9.52 -22.69 2.28
CA ASN A 135 9.61 -22.67 2.19
C ASN A 135 8.93 -22.83 0.87
C ASN A 135 9.02 -22.75 0.79
N TYR A 136 8.01 -21.94 0.51
CA TYR A 136 7.40 -21.88 -0.83
C TYR A 136 7.31 -20.43 -1.25
N TRP A 137 7.71 -20.16 -2.48
CA TRP A 137 7.40 -18.84 -3.04
C TRP A 137 7.18 -18.97 -4.54
N GLU A 138 6.34 -18.09 -5.06
CA GLU A 138 6.07 -18.02 -6.50
C GLU A 138 5.59 -16.60 -6.77
N ILE A 139 6.41 -15.82 -7.45
CA ILE A 139 6.24 -14.35 -7.47
C ILE A 139 6.16 -13.86 -8.91
N VAL A 140 5.70 -12.64 -9.07
CA VAL A 140 5.86 -11.94 -10.36
C VAL A 140 7.22 -11.30 -10.40
N PRO A 141 7.72 -11.11 -11.64
CA PRO A 141 8.85 -10.26 -11.94
C PRO A 141 8.40 -8.81 -11.80
N GLY A 142 9.06 -8.13 -10.89
CA GLY A 142 8.91 -6.69 -10.67
C GLY A 142 7.49 -6.37 -10.30
N GLN A 143 6.88 -5.52 -11.12
CA GLN A 143 5.52 -5.02 -10.83
C GLN A 143 4.45 -6.08 -11.14
N GLY A 144 4.76 -7.04 -12.00
CA GLY A 144 3.74 -7.98 -12.48
C GLY A 144 2.85 -7.35 -13.53
N ASP A 145 2.07 -8.19 -14.19
N ASP A 145 2.10 -8.21 -14.22
CA ASP A 145 1.08 -7.73 -15.18
CA ASP A 145 1.10 -7.84 -15.23
C ASP A 145 -0.30 -8.22 -14.79
C ASP A 145 -0.28 -8.16 -14.69
N TYR A 146 -1.31 -7.44 -15.15
CA TYR A 146 -2.70 -7.82 -14.88
C TYR A 146 -3.11 -9.03 -15.72
N TYR A 147 -2.84 -9.02 -17.01
CA TYR A 147 -3.30 -10.09 -17.91
C TYR A 147 -2.16 -11.02 -18.26
N ASN A 148 -2.46 -12.30 -18.15
CA ASN A 148 -1.57 -13.42 -18.54
C ASN A 148 -0.17 -13.15 -18.04
N PRO A 149 -0.03 -12.95 -16.71
CA PRO A 149 1.24 -12.61 -16.12
C PRO A 149 2.28 -13.73 -16.23
N ASP A 150 3.53 -13.31 -16.36
CA ASP A 150 4.66 -14.20 -16.07
C ASP A 150 4.84 -14.29 -14.55
N PHE A 151 5.26 -15.46 -14.11
CA PHE A 151 5.68 -15.70 -12.73
C PHE A 151 7.06 -16.31 -12.75
N ILE A 152 7.67 -16.24 -11.59
N ILE A 152 7.76 -16.12 -11.63
CA ILE A 152 9.01 -16.80 -11.31
CA ILE A 152 9.04 -16.76 -11.26
C ILE A 152 8.82 -17.88 -10.25
C ILE A 152 8.74 -17.89 -10.29
N THR A 153 9.18 -19.12 -10.59
CA THR A 153 9.12 -20.23 -9.63
C THR A 153 10.27 -20.12 -8.66
N GLN A 154 10.20 -20.93 -7.62
N GLN A 154 10.24 -20.92 -7.58
CA GLN A 154 11.22 -20.97 -6.56
CA GLN A 154 11.27 -20.90 -6.51
C GLN A 154 12.56 -21.43 -7.11
C GLN A 154 12.54 -21.61 -7.02
N ASN A 155 12.58 -22.05 -8.28
CA ASN A 155 13.84 -22.42 -8.96
C ASN A 155 14.33 -21.27 -9.85
N ASN A 156 13.70 -20.10 -9.80
CA ASN A 156 14.01 -18.92 -10.65
C ASN A 156 13.83 -19.27 -12.14
N ASP A 157 12.83 -20.08 -12.45
CA ASP A 157 12.36 -20.29 -13.83
C ASP A 157 11.17 -19.38 -14.09
N THR A 158 11.04 -18.86 -15.30
CA THR A 158 9.86 -18.07 -15.68
C THR A 158 8.81 -18.99 -16.25
N ILE A 159 7.60 -18.81 -15.80
CA ILE A 159 6.41 -19.55 -16.29
C ILE A 159 5.35 -18.52 -16.68
N ARG A 160 4.44 -18.94 -17.53
CA ARG A 160 3.25 -18.16 -17.91
C ARG A 160 2.06 -18.66 -17.11
N LYS A 161 1.34 -17.75 -16.48
CA LYS A 161 0.02 -18.05 -15.88
C LYS A 161 -1.02 -17.28 -16.67
N HIS A 162 -1.68 -17.98 -17.58
N HIS A 162 -1.72 -18.00 -17.54
CA HIS A 162 -2.79 -17.38 -18.35
CA HIS A 162 -2.82 -17.44 -18.36
C HIS A 162 -3.93 -17.05 -17.39
C HIS A 162 -4.03 -17.12 -17.48
N GLY A 163 -4.56 -15.90 -17.61
CA GLY A 163 -5.69 -15.43 -16.82
C GLY A 163 -5.43 -14.05 -16.26
N TYR A 164 -6.11 -13.75 -15.17
CA TYR A 164 -6.10 -12.40 -14.57
C TYR A 164 -5.42 -12.50 -13.22
N ILE A 165 -4.42 -11.66 -12.97
N ILE A 165 -4.43 -11.63 -13.01
CA ILE A 165 -3.48 -11.93 -11.85
CA ILE A 165 -3.46 -11.74 -11.87
C ILE A 165 -4.19 -11.95 -10.49
C ILE A 165 -4.19 -11.93 -10.54
N THR A 166 -5.22 -11.15 -10.27
CA THR A 166 -5.84 -11.12 -8.92
C THR A 166 -6.45 -12.49 -8.61
N ASN A 167 -7.00 -13.15 -9.63
CA ASN A 167 -7.55 -14.51 -9.47
C ASN A 167 -6.42 -15.52 -9.29
N LEU A 168 -5.37 -15.40 -10.09
CA LEU A 168 -4.27 -16.40 -10.15
C LEU A 168 -3.46 -16.41 -8.85
N ILE A 169 -3.21 -15.23 -8.28
CA ILE A 169 -2.50 -15.16 -6.98
C ILE A 169 -3.32 -15.90 -5.93
N THR A 170 -4.61 -15.65 -5.92
CA THR A 170 -5.52 -16.31 -4.96
C THR A 170 -5.54 -17.83 -5.17
N ASP A 171 -5.63 -18.24 -6.43
CA ASP A 171 -5.63 -19.68 -6.75
C ASP A 171 -4.40 -20.32 -6.14
N ASP A 172 -3.25 -19.70 -6.30
CA ASP A 172 -1.99 -20.32 -5.81
C ASP A 172 -1.92 -20.30 -4.29
N ALA A 173 -2.40 -19.23 -3.66
CA ALA A 173 -2.42 -19.17 -2.18
C ALA A 173 -3.25 -20.33 -1.64
N ILE A 174 -4.43 -20.54 -2.19
CA ILE A 174 -5.32 -21.62 -1.73
C ILE A 174 -4.71 -22.98 -2.06
N ASP A 175 -4.16 -23.14 -3.25
CA ASP A 175 -3.52 -24.42 -3.63
C ASP A 175 -2.41 -24.73 -2.62
N TRP A 176 -1.61 -23.73 -2.27
CA TRP A 176 -0.52 -23.98 -1.31
C TRP A 176 -1.11 -24.45 0.02
N MET A 177 -2.10 -23.75 0.54
CA MET A 177 -2.69 -24.12 1.84
C MET A 177 -3.29 -25.51 1.78
N GLU A 178 -3.95 -25.84 0.69
CA GLU A 178 -4.73 -27.08 0.61
C GLU A 178 -3.83 -28.29 0.35
N HIS A 179 -2.79 -28.13 -0.47
CA HIS A 179 -2.06 -29.29 -1.03
C HIS A 179 -0.57 -29.34 -0.70
N LYS A 180 0.03 -28.20 -0.33
N LYS A 180 0.08 -28.21 -0.40
CA LYS A 180 1.50 -28.15 -0.14
CA LYS A 180 1.56 -28.17 -0.32
C LYS A 180 1.83 -27.97 1.35
C LYS A 180 2.02 -27.97 1.11
N ARG A 181 1.10 -27.13 2.06
N ARG A 181 1.13 -27.45 1.95
CA ARG A 181 1.30 -26.86 3.50
CA ARG A 181 1.44 -26.96 3.31
C ARG A 181 1.56 -28.17 4.22
C ARG A 181 1.51 -28.14 4.27
N ASP A 182 2.54 -28.15 5.12
CA ASP A 182 2.80 -29.20 6.10
C ASP A 182 1.79 -29.03 7.22
N LEU A 183 0.91 -30.01 7.41
CA LEU A 183 -0.14 -29.86 8.44
C LEU A 183 0.46 -29.90 9.86
N ASP A 184 1.72 -30.29 10.00
CA ASP A 184 2.37 -30.48 11.32
C ASP A 184 3.16 -29.24 11.74
N LYS A 185 3.12 -28.15 10.99
CA LYS A 185 3.80 -26.90 11.38
C LYS A 185 2.81 -25.75 11.27
N PRO A 186 2.93 -24.71 12.12
N PRO A 186 2.93 -24.74 12.16
CA PRO A 186 2.14 -23.52 11.90
CA PRO A 186 2.27 -23.46 11.96
C PRO A 186 2.73 -22.79 10.70
C PRO A 186 2.74 -22.84 10.64
N PHE A 187 1.94 -21.93 10.10
CA PHE A 187 2.34 -21.24 8.87
C PHE A 187 2.13 -19.75 8.92
N CYS A 188 2.93 -19.09 8.11
CA CYS A 188 2.75 -17.67 7.77
C CYS A 188 2.75 -17.56 6.25
N LEU A 189 1.61 -17.17 5.70
CA LEU A 189 1.42 -17.04 4.25
C LEU A 189 1.24 -15.56 3.92
N LEU A 190 2.05 -15.07 2.98
N LEU A 190 2.06 -15.06 3.00
CA LEU A 190 1.94 -13.69 2.46
CA LEU A 190 1.97 -13.69 2.46
C LEU A 190 1.30 -13.75 1.09
C LEU A 190 1.30 -13.75 1.09
N ILE A 191 0.20 -13.03 0.93
CA ILE A 191 -0.55 -12.96 -0.34
C ILE A 191 -0.43 -11.53 -0.80
N HIS A 192 0.44 -11.31 -1.79
CA HIS A 192 0.80 -9.94 -2.21
C HIS A 192 0.23 -9.65 -3.58
N HIS A 193 -0.84 -8.89 -3.63
CA HIS A 193 -1.55 -8.58 -4.88
C HIS A 193 -0.87 -7.48 -5.69
N LYS A 194 -1.14 -7.51 -7.00
CA LYS A 194 -0.88 -6.37 -7.89
C LYS A 194 -2.01 -5.36 -7.82
N ALA A 195 -3.27 -5.80 -7.74
CA ALA A 195 -4.36 -4.85 -7.51
C ALA A 195 -3.97 -4.00 -6.29
N ILE A 196 -4.20 -2.68 -6.29
CA ILE A 196 -4.91 -1.86 -7.26
C ILE A 196 -3.92 -0.93 -7.96
N HIS A 197 -2.80 -1.48 -8.42
CA HIS A 197 -1.73 -0.68 -9.03
C HIS A 197 -2.20 -0.08 -10.38
N ARG A 198 -1.63 1.06 -10.73
CA ARG A 198 -1.78 1.64 -12.07
C ARG A 198 -1.42 0.58 -13.09
N ASN A 199 -2.12 0.46 -14.23
CA ASN A 199 -3.12 1.37 -14.77
C ASN A 199 -4.53 0.78 -14.66
N TRP A 200 -4.83 0.01 -13.63
CA TRP A 200 -6.24 -0.31 -13.26
C TRP A 200 -6.93 -1.00 -14.44
N LEU A 201 -6.38 -2.15 -14.82
CA LEU A 201 -6.99 -3.03 -15.84
C LEU A 201 -7.93 -3.99 -15.15
N ALA A 202 -9.22 -3.82 -15.42
CA ALA A 202 -10.27 -4.71 -14.88
C ALA A 202 -10.19 -6.09 -15.51
N ASP A 203 -10.66 -7.06 -14.78
CA ASP A 203 -10.94 -8.42 -15.30
C ASP A 203 -12.20 -8.36 -16.15
N THR A 204 -12.31 -9.31 -17.07
CA THR A 204 -13.43 -9.40 -18.04
C THR A 204 -14.77 -9.23 -17.33
N CYS A 205 -14.98 -9.98 -16.26
CA CYS A 205 -16.31 -10.07 -15.61
C CYS A 205 -16.73 -8.71 -15.05
N ASN A 206 -15.79 -7.80 -14.79
CA ASN A 206 -16.09 -6.55 -14.06
C ASN A 206 -16.04 -5.32 -14.97
N LEU A 207 -15.89 -5.51 -16.27
CA LEU A 207 -15.64 -4.37 -17.19
C LEU A 207 -16.76 -3.34 -17.10
N ALA A 208 -18.01 -3.78 -16.93
CA ALA A 208 -19.18 -2.89 -17.10
C ALA A 208 -19.52 -2.17 -15.78
N LEU A 209 -18.89 -2.53 -14.67
CA LEU A 209 -19.36 -2.05 -13.34
C LEU A 209 -19.07 -0.56 -13.13
N TYR A 210 -19.95 0.10 -12.38
CA TYR A 210 -19.72 1.45 -11.78
C TYR A 210 -19.86 2.57 -12.82
N GLU A 211 -20.41 2.31 -13.99
CA GLU A 211 -20.59 3.40 -14.99
C GLU A 211 -21.77 4.29 -14.59
N ASP A 212 -22.59 3.83 -13.67
CA ASP A 212 -23.73 4.62 -13.13
C ASP A 212 -23.28 5.48 -11.94
N LYS A 213 -22.00 5.41 -11.56
N LYS A 213 -22.00 5.42 -11.55
CA LYS A 213 -21.40 6.16 -10.42
CA LYS A 213 -21.46 6.17 -10.38
C LYS A 213 -20.77 7.46 -10.94
C LYS A 213 -20.75 7.43 -10.87
N THR A 214 -21.21 8.60 -10.41
CA THR A 214 -20.54 9.91 -10.61
C THR A 214 -20.34 10.52 -9.22
N PHE A 215 -19.13 10.95 -8.92
CA PHE A 215 -18.78 11.42 -7.57
C PHE A 215 -18.47 12.90 -7.56
N PRO A 216 -18.78 13.59 -6.44
CA PRO A 216 -18.29 14.94 -6.22
C PRO A 216 -16.75 14.90 -6.24
N LEU A 217 -16.13 15.94 -6.77
CA LEU A 217 -14.67 16.09 -6.64
C LEU A 217 -14.34 16.35 -5.18
N PRO A 218 -13.19 15.84 -4.68
CA PRO A 218 -12.70 16.24 -3.37
C PRO A 218 -12.64 17.77 -3.26
N ASP A 219 -12.85 18.29 -2.05
CA ASP A 219 -12.92 19.76 -1.85
C ASP A 219 -11.60 20.43 -2.26
N ASN A 220 -10.48 19.74 -2.17
CA ASN A 220 -9.17 20.33 -2.53
C ASN A 220 -8.66 19.75 -3.86
N PHE A 221 -9.55 19.28 -4.72
CA PHE A 221 -9.16 18.74 -6.04
C PHE A 221 -8.39 19.79 -6.86
N PHE A 222 -8.80 21.06 -6.78
CA PHE A 222 -8.18 22.17 -7.56
C PHE A 222 -7.19 22.97 -6.71
N ASP A 223 -6.49 22.26 -5.82
CA ASP A 223 -5.47 22.82 -4.90
C ASP A 223 -4.48 23.69 -5.68
N ASP A 224 -4.28 24.93 -5.23
CA ASP A 224 -3.30 25.85 -5.86
C ASP A 224 -1.90 25.71 -5.21
N TYR A 225 -1.78 24.88 -4.18
CA TYR A 225 -0.47 24.51 -3.56
C TYR A 225 0.19 25.73 -2.90
N GLU A 226 -0.59 26.70 -2.44
CA GLU A 226 -0.07 27.89 -1.71
C GLU A 226 0.79 27.41 -0.53
N GLY A 227 2.02 27.92 -0.43
CA GLY A 227 2.91 27.65 0.70
C GLY A 227 3.58 26.29 0.61
N ARG A 228 3.38 25.56 -0.49
CA ARG A 228 3.74 24.12 -0.58
C ARG A 228 4.43 23.85 -1.90
N PRO A 229 5.72 24.24 -2.03
CA PRO A 229 6.40 24.12 -3.32
C PRO A 229 6.58 22.69 -3.85
N ALA A 230 6.78 21.71 -2.99
CA ALA A 230 6.90 20.31 -3.45
C ALA A 230 5.53 19.82 -3.92
N ALA A 231 4.46 20.23 -3.26
CA ALA A 231 3.09 19.95 -3.73
C ALA A 231 2.87 20.58 -5.11
N ALA A 232 3.44 21.75 -5.35
CA ALA A 232 3.26 22.45 -6.64
C ALA A 232 4.06 21.75 -7.75
N SER A 233 5.21 21.16 -7.43
CA SER A 233 6.17 20.71 -8.48
C SER A 233 6.02 19.22 -8.81
N GLN A 234 5.12 18.50 -8.16
CA GLN A 234 4.94 17.07 -8.49
C GLN A 234 4.38 16.91 -9.91
N GLU A 235 4.45 15.67 -10.38
CA GLU A 235 3.89 15.23 -11.68
C GLU A 235 2.97 14.04 -11.42
N MET A 236 2.01 14.23 -10.53
CA MET A 236 1.02 13.18 -10.19
C MET A 236 -0.38 13.79 -10.14
N SER A 237 -0.61 14.77 -11.00
CA SER A 237 -1.92 15.46 -11.13
C SER A 237 -2.84 14.65 -12.04
N ILE A 238 -4.07 14.41 -11.61
CA ILE A 238 -5.08 13.79 -12.51
C ILE A 238 -5.32 14.69 -13.70
N ALA A 239 -5.48 15.99 -13.47
CA ALA A 239 -5.76 16.94 -14.57
C ALA A 239 -4.61 16.92 -15.57
N LYS A 240 -3.37 17.03 -15.09
N LYS A 240 -3.37 17.11 -15.11
CA LYS A 240 -2.22 17.40 -15.95
CA LYS A 240 -2.23 17.35 -16.02
C LYS A 240 -1.41 16.17 -16.38
C LYS A 240 -1.59 16.04 -16.45
N ASP A 241 -1.21 15.19 -15.49
CA ASP A 241 -0.24 14.09 -15.71
C ASP A 241 -0.90 12.77 -16.07
N MET A 242 -2.09 12.49 -15.59
CA MET A 242 -2.75 11.21 -15.90
C MET A 242 -2.95 11.13 -17.41
N ASP A 243 -2.62 9.97 -17.98
CA ASP A 243 -2.48 9.79 -19.44
C ASP A 243 -3.81 9.32 -20.02
N MET A 244 -4.33 10.05 -21.01
CA MET A 244 -5.66 9.73 -21.58
C MET A 244 -5.68 8.30 -22.12
N ILE A 245 -4.57 7.85 -22.70
CA ILE A 245 -4.54 6.50 -23.33
C ILE A 245 -4.19 5.44 -22.27
N TYR A 246 -3.06 5.59 -21.60
CA TYR A 246 -2.55 4.53 -20.70
C TYR A 246 -3.42 4.41 -19.45
N ASP A 247 -3.74 5.54 -18.82
CA ASP A 247 -4.51 5.51 -17.56
C ASP A 247 -6.00 5.37 -17.86
N LEU A 248 -6.52 6.11 -18.85
CA LEU A 248 -7.98 6.20 -19.03
C LEU A 248 -8.45 5.44 -20.27
N LYS A 249 -7.56 4.71 -20.93
CA LYS A 249 -7.89 3.61 -21.86
C LYS A 249 -8.37 4.17 -23.21
N MET A 250 -8.20 5.46 -23.47
CA MET A 250 -8.79 6.13 -24.67
C MET A 250 -7.86 5.97 -25.89
N LEU A 251 -7.51 4.73 -26.18
CA LEU A 251 -6.62 4.33 -27.29
C LEU A 251 -7.36 4.44 -28.60
N ARG A 252 -6.74 5.10 -29.57
CA ARG A 252 -7.15 5.05 -30.98
C ARG A 252 -5.89 5.23 -31.81
N PRO A 253 -5.78 4.63 -33.02
CA PRO A 253 -4.55 4.73 -33.81
C PRO A 253 -4.12 6.17 -34.11
N ASP A 254 -5.07 7.10 -34.25
CA ASP A 254 -4.82 8.52 -34.61
C ASP A 254 -4.49 9.36 -33.37
N LYS A 255 -4.41 8.74 -32.19
CA LYS A 255 -4.13 9.46 -30.93
C LYS A 255 -2.75 9.04 -30.41
N ASP A 256 -2.06 9.96 -29.74
CA ASP A 256 -0.69 9.74 -29.20
C ASP A 256 -0.63 10.23 -27.77
N SER A 257 0.28 9.64 -27.01
CA SER A 257 0.58 10.09 -25.63
C SER A 257 1.93 9.51 -25.22
N ARG A 258 2.49 10.05 -24.14
CA ARG A 258 3.79 9.60 -23.60
C ARG A 258 3.72 8.10 -23.34
N LEU A 259 2.59 7.61 -22.83
CA LEU A 259 2.52 6.20 -22.36
C LEU A 259 1.69 5.34 -23.29
N LYS A 260 1.41 5.78 -24.52
CA LYS A 260 0.64 4.95 -25.47
C LYS A 260 1.38 3.63 -25.73
N ALA A 261 2.69 3.65 -25.98
CA ALA A 261 3.44 2.42 -26.32
C ALA A 261 3.39 1.46 -25.14
N LEU A 262 3.58 1.96 -23.93
CA LEU A 262 3.53 1.08 -22.73
C LEU A 262 2.11 0.49 -22.61
N TYR A 263 1.09 1.30 -22.86
CA TYR A 263 -0.31 0.82 -22.82
C TYR A 263 -0.48 -0.34 -23.80
N GLU A 264 -0.01 -0.17 -25.03
CA GLU A 264 -0.21 -1.23 -26.04
C GLU A 264 0.55 -2.49 -25.62
N LYS A 265 1.69 -2.34 -24.96
CA LYS A 265 2.47 -3.49 -24.45
C LYS A 265 1.63 -4.23 -23.39
N TYR A 266 1.04 -3.51 -22.46
CA TYR A 266 0.32 -4.17 -21.34
C TYR A 266 -0.98 -4.79 -21.81
N ILE A 267 -1.79 -4.10 -22.61
CA ILE A 267 -3.06 -4.74 -23.08
C ILE A 267 -2.74 -5.71 -24.21
N GLY A 268 -1.58 -5.60 -24.83
CA GLY A 268 -1.13 -6.55 -25.86
C GLY A 268 -0.97 -7.96 -25.30
N ARG A 269 -0.85 -8.10 -23.97
CA ARG A 269 -0.76 -9.45 -23.36
C ARG A 269 -2.08 -10.19 -23.53
N MET A 270 -3.20 -9.48 -23.66
CA MET A 270 -4.52 -10.10 -23.76
C MET A 270 -4.59 -11.00 -24.99
N ASP A 271 -5.25 -12.14 -24.84
CA ASP A 271 -5.58 -13.00 -25.99
C ASP A 271 -6.81 -12.44 -26.71
N LYS A 272 -7.20 -13.08 -27.79
CA LYS A 272 -8.29 -12.55 -28.62
C LYS A 272 -9.57 -12.38 -27.82
N ALA A 273 -9.94 -13.36 -27.00
CA ALA A 273 -11.20 -13.32 -26.24
C ALA A 273 -11.14 -12.20 -25.20
N GLN A 274 -10.02 -12.10 -24.49
CA GLN A 274 -9.86 -11.08 -23.43
C GLN A 274 -9.94 -9.69 -24.06
N ARG A 275 -9.24 -9.50 -25.18
CA ARG A 275 -9.24 -8.17 -25.85
C ARG A 275 -10.61 -7.89 -26.48
N ALA A 276 -11.30 -8.90 -27.00
CA ALA A 276 -12.64 -8.70 -27.58
C ALA A 276 -13.59 -8.19 -26.49
N ALA A 277 -13.54 -8.77 -25.30
CA ALA A 277 -14.41 -8.33 -24.18
C ALA A 277 -14.02 -6.91 -23.78
N TRP A 278 -12.73 -6.65 -23.69
CA TRP A 278 -12.20 -5.31 -23.35
C TRP A 278 -12.77 -4.27 -24.31
N ASP A 279 -12.62 -4.53 -25.61
CA ASP A 279 -13.02 -3.58 -26.67
C ASP A 279 -14.54 -3.44 -26.68
N LYS A 280 -15.29 -4.50 -26.42
CA LYS A 280 -16.77 -4.43 -26.41
C LYS A 280 -17.21 -3.39 -25.38
N PHE A 281 -16.50 -3.31 -24.26
CA PHE A 281 -16.82 -2.33 -23.20
C PHE A 281 -16.24 -0.94 -23.56
N TYR A 282 -14.96 -0.85 -23.88
CA TYR A 282 -14.28 0.47 -23.98
C TYR A 282 -14.57 1.15 -25.32
N ASP A 283 -14.83 0.43 -26.40
CA ASP A 283 -15.00 1.09 -27.73
C ASP A 283 -16.05 2.18 -27.63
N PRO A 284 -17.25 1.95 -27.05
CA PRO A 284 -18.25 3.02 -26.95
C PRO A 284 -17.81 4.20 -26.08
N ILE A 285 -17.04 3.95 -25.02
N ILE A 285 -17.08 3.91 -25.00
CA ILE A 285 -16.53 5.02 -24.12
CA ILE A 285 -16.49 4.95 -24.09
C ILE A 285 -15.51 5.86 -24.89
C ILE A 285 -15.55 5.84 -24.91
N ILE A 286 -14.69 5.22 -25.72
CA ILE A 286 -13.70 5.90 -26.60
C ILE A 286 -14.44 6.80 -27.60
N ALA A 287 -15.45 6.25 -28.27
CA ALA A 287 -16.26 7.00 -29.26
C ALA A 287 -16.93 8.20 -28.57
N ASP A 288 -17.52 7.98 -27.38
CA ASP A 288 -18.24 9.03 -26.62
C ASP A 288 -17.26 10.14 -26.20
N PHE A 289 -16.05 9.79 -25.81
CA PHE A 289 -15.02 10.78 -25.39
C PHE A 289 -14.61 11.65 -26.59
N TYR A 290 -14.21 11.03 -27.69
CA TYR A 290 -13.59 11.77 -28.82
C TYR A 290 -14.64 12.55 -29.60
N ARG A 291 -15.94 12.28 -29.38
CA ARG A 291 -17.04 13.11 -29.93
C ARG A 291 -17.06 14.48 -29.23
N GLN A 292 -16.51 14.56 -28.03
CA GLN A 292 -16.67 15.75 -27.16
C GLN A 292 -15.48 16.71 -27.28
N ASN A 293 -15.73 17.96 -26.92
CA ASN A 293 -14.68 18.98 -26.68
C ASN A 293 -14.65 19.21 -25.17
N LEU A 294 -13.60 18.73 -24.53
CA LEU A 294 -13.45 18.80 -23.05
C LEU A 294 -12.10 19.43 -22.74
N GLN A 295 -12.10 20.39 -21.83
CA GLN A 295 -10.85 21.02 -21.35
C GLN A 295 -11.08 21.49 -19.92
N GLY A 296 -10.01 21.98 -19.30
CA GLY A 296 -10.10 22.65 -18.00
C GLY A 296 -10.82 21.79 -16.98
N LYS A 297 -11.69 22.42 -16.19
CA LYS A 297 -12.34 21.73 -15.05
C LYS A 297 -13.22 20.57 -15.56
N GLU A 298 -13.88 20.73 -16.71
N GLU A 298 -13.88 20.73 -16.71
CA GLU A 298 -14.78 19.69 -17.28
CA GLU A 298 -14.78 19.69 -17.25
C GLU A 298 -13.97 18.46 -17.67
C GLU A 298 -13.95 18.46 -17.62
N LEU A 299 -12.80 18.66 -18.28
CA LEU A 299 -11.92 17.51 -18.62
C LEU A 299 -11.39 16.89 -17.33
N ALA A 300 -10.97 17.69 -16.36
CA ALA A 300 -10.40 17.15 -15.11
C ALA A 300 -11.46 16.28 -14.43
N ASN A 301 -12.70 16.73 -14.44
N ASN A 301 -12.69 16.75 -14.40
CA ASN A 301 -13.83 15.99 -13.82
CA ASN A 301 -13.83 15.99 -13.83
C ASN A 301 -14.06 14.68 -14.59
C ASN A 301 -13.98 14.67 -14.59
N TRP A 302 -14.06 14.73 -15.92
CA TRP A 302 -14.24 13.52 -16.76
C TRP A 302 -13.15 12.49 -16.42
N LYS A 303 -11.91 12.96 -16.33
CA LYS A 303 -10.75 12.08 -16.04
C LYS A 303 -10.89 11.48 -14.64
N PHE A 304 -11.30 12.28 -13.67
CA PHE A 304 -11.51 11.79 -12.29
C PHE A 304 -12.53 10.66 -12.29
N GLN A 305 -13.67 10.86 -12.96
CA GLN A 305 -14.73 9.82 -12.93
C GLN A 305 -14.20 8.53 -13.56
N ARG A 306 -13.50 8.62 -14.69
CA ARG A 306 -12.98 7.40 -15.37
C ARG A 306 -11.92 6.71 -14.51
N TYR A 307 -11.04 7.49 -13.91
CA TYR A 307 -10.02 6.97 -12.98
C TYR A 307 -10.71 6.20 -11.86
N MET A 308 -11.67 6.84 -11.22
CA MET A 308 -12.35 6.24 -10.06
C MET A 308 -13.05 4.95 -10.50
N ARG A 309 -13.76 4.99 -11.62
CA ARG A 309 -14.50 3.80 -12.08
C ARG A 309 -13.54 2.65 -12.39
N ASP A 310 -12.46 2.91 -13.12
CA ASP A 310 -11.54 1.80 -13.48
C ASP A 310 -10.86 1.27 -12.23
N TYR A 311 -10.49 2.16 -11.32
CA TYR A 311 -9.90 1.75 -10.02
C TYR A 311 -10.88 0.82 -9.30
N MET A 312 -12.14 1.26 -9.18
N MET A 312 -12.17 1.20 -9.30
CA MET A 312 -13.16 0.50 -8.40
CA MET A 312 -13.21 0.41 -8.63
C MET A 312 -13.38 -0.87 -9.03
C MET A 312 -13.43 -0.93 -9.33
N LYS A 313 -13.50 -0.93 -10.35
N LYS A 313 -13.40 -0.96 -10.65
CA LYS A 313 -13.59 -2.20 -11.10
CA LYS A 313 -13.55 -2.28 -11.34
C LYS A 313 -12.48 -3.14 -10.65
C LYS A 313 -12.41 -3.20 -10.88
N THR A 314 -11.24 -2.63 -10.64
CA THR A 314 -10.04 -3.40 -10.25
C THR A 314 -10.17 -3.83 -8.78
N VAL A 315 -10.68 -2.95 -7.92
CA VAL A 315 -10.95 -3.32 -6.50
C VAL A 315 -11.94 -4.47 -6.43
N LYS A 316 -12.96 -4.49 -7.30
CA LYS A 316 -14.02 -5.52 -7.15
C LYS A 316 -13.38 -6.91 -7.19
N SER A 317 -12.50 -7.17 -8.15
N SER A 317 -12.48 -7.16 -8.14
CA SER A 317 -11.81 -8.48 -8.21
CA SER A 317 -11.81 -8.48 -8.25
C SER A 317 -11.07 -8.74 -6.90
C SER A 317 -10.99 -8.76 -6.99
N LEU A 318 -10.37 -7.73 -6.40
CA LEU A 318 -9.60 -7.90 -5.17
C LEU A 318 -10.54 -8.28 -4.03
N ASP A 319 -11.63 -7.56 -3.84
CA ASP A 319 -12.54 -7.84 -2.71
C ASP A 319 -13.09 -9.28 -2.87
N ASP A 320 -13.51 -9.64 -4.06
CA ASP A 320 -14.06 -11.00 -4.27
C ASP A 320 -13.00 -12.05 -3.96
N ASN A 321 -11.77 -11.82 -4.37
CA ASN A 321 -10.67 -12.80 -4.17
C ASN A 321 -10.26 -12.86 -2.71
N VAL A 322 -10.33 -11.76 -1.98
CA VAL A 322 -10.11 -11.85 -0.51
C VAL A 322 -11.24 -12.67 0.11
N GLY A 323 -12.47 -12.48 -0.37
CA GLY A 323 -13.59 -13.33 0.08
C GLY A 323 -13.30 -14.81 -0.10
N ARG A 324 -12.71 -15.18 -1.25
N ARG A 324 -12.68 -15.15 -1.24
CA ARG A 324 -12.38 -16.59 -1.49
CA ARG A 324 -12.35 -16.56 -1.57
C ARG A 324 -11.42 -17.09 -0.41
C ARG A 324 -11.37 -17.11 -0.53
N VAL A 325 -10.40 -16.30 -0.09
CA VAL A 325 -9.43 -16.74 0.94
C VAL A 325 -10.15 -16.88 2.28
N PHE A 326 -10.95 -15.88 2.63
CA PHE A 326 -11.68 -15.88 3.92
C PHE A 326 -12.56 -17.13 3.99
N ASP A 327 -13.31 -17.40 2.91
CA ASP A 327 -14.26 -18.52 2.90
C ASP A 327 -13.51 -19.85 3.00
N TYR A 328 -12.36 -19.94 2.35
CA TYR A 328 -11.53 -21.16 2.43
C TYR A 328 -11.07 -21.37 3.87
N LEU A 329 -10.50 -20.34 4.48
CA LEU A 329 -10.00 -20.48 5.87
C LEU A 329 -11.13 -20.88 6.79
N LYS A 330 -12.31 -20.30 6.60
CA LYS A 330 -13.47 -20.58 7.45
C LYS A 330 -13.86 -22.05 7.29
N LYS A 331 -13.97 -22.51 6.04
CA LYS A 331 -14.41 -23.89 5.73
C LYS A 331 -13.42 -24.90 6.31
N LYS A 332 -12.13 -24.60 6.29
CA LYS A 332 -11.07 -25.51 6.80
C LYS A 332 -10.99 -25.46 8.32
N GLY A 333 -11.71 -24.57 8.96
CA GLY A 333 -11.65 -24.40 10.43
C GLY A 333 -10.33 -23.79 10.85
N LEU A 334 -9.74 -22.95 10.01
CA LEU A 334 -8.44 -22.34 10.31
C LEU A 334 -8.61 -20.99 11.01
N LEU A 335 -9.72 -20.30 10.86
CA LEU A 335 -9.80 -18.90 11.36
C LEU A 335 -9.57 -18.81 12.86
N ASP A 336 -10.03 -19.79 13.63
CA ASP A 336 -9.92 -19.71 15.10
C ASP A 336 -8.47 -19.62 15.54
N ASN A 337 -7.54 -20.13 14.74
N ASN A 337 -7.54 -20.14 14.77
CA ASN A 337 -6.11 -20.20 15.12
CA ASN A 337 -6.11 -20.15 15.18
C ASN A 337 -5.24 -19.44 14.12
C ASN A 337 -5.27 -19.49 14.09
N THR A 338 -5.82 -18.49 13.38
CA THR A 338 -5.09 -17.77 12.31
C THR A 338 -5.38 -16.29 12.46
N LEU A 339 -4.35 -15.45 12.57
CA LEU A 339 -4.49 -14.00 12.40
C LEU A 339 -4.62 -13.72 10.91
N VAL A 340 -5.68 -13.03 10.50
CA VAL A 340 -5.82 -12.59 9.10
C VAL A 340 -5.60 -11.09 9.08
N VAL A 341 -4.59 -10.65 8.33
CA VAL A 341 -4.28 -9.21 8.22
C VAL A 341 -4.59 -8.76 6.81
N TYR A 342 -5.18 -7.59 6.65
CA TYR A 342 -5.30 -6.94 5.33
C TYR A 342 -4.75 -5.54 5.42
N THR A 343 -3.88 -5.21 4.47
CA THR A 343 -3.29 -3.87 4.37
C THR A 343 -2.90 -3.61 2.92
N SER A 344 -2.35 -2.43 2.71
CA SER A 344 -1.79 -2.01 1.41
C SER A 344 -0.34 -1.61 1.63
N ASP A 345 0.46 -1.70 0.59
CA ASP A 345 1.87 -1.25 0.72
C ASP A 345 1.91 0.24 1.11
N GLN A 346 1.00 1.04 0.59
CA GLN A 346 0.78 2.42 1.08
C GLN A 346 -0.65 2.81 0.69
N GLY A 347 -1.12 3.90 1.24
CA GLY A 347 -2.34 4.54 0.76
C GLY A 347 -2.10 5.20 -0.57
N PHE A 348 -3.11 5.94 -1.01
CA PHE A 348 -3.16 6.43 -2.40
C PHE A 348 -4.04 7.66 -2.44
N TYR A 349 -3.73 8.58 -3.34
CA TYR A 349 -4.59 9.76 -3.59
C TYR A 349 -5.69 9.36 -4.56
N MET A 350 -6.92 9.57 -4.10
CA MET A 350 -8.14 9.47 -4.92
C MET A 350 -8.63 10.88 -5.22
N GLY A 351 -7.75 11.69 -5.79
CA GLY A 351 -8.07 13.06 -6.19
C GLY A 351 -7.87 14.10 -5.10
N GLU A 352 -7.53 13.72 -3.87
CA GLU A 352 -7.20 14.75 -2.87
C GLU A 352 -5.98 15.52 -3.38
N HIS A 353 -6.02 16.84 -3.25
CA HIS A 353 -4.96 17.75 -3.73
C HIS A 353 -4.83 17.66 -5.25
N GLY A 354 -5.80 17.04 -5.92
CA GLY A 354 -5.75 16.86 -7.38
C GLY A 354 -4.92 15.66 -7.82
N TRP A 355 -4.52 14.78 -6.91
CA TRP A 355 -3.49 13.78 -7.21
C TRP A 355 -4.04 12.36 -7.38
N PHE A 356 -3.19 11.56 -8.01
CA PHE A 356 -3.13 10.09 -7.82
C PHE A 356 -1.72 9.78 -7.29
N ASP A 357 -1.46 8.51 -7.01
CA ASP A 357 -0.14 8.03 -6.53
C ASP A 357 0.02 8.29 -5.02
N LYS A 358 1.26 8.40 -4.54
CA LYS A 358 1.53 8.26 -3.08
C LYS A 358 2.71 9.17 -2.73
N ARG A 359 3.78 8.63 -2.13
CA ARG A 359 5.12 9.26 -1.98
C ARG A 359 5.16 10.33 -0.88
N PHE A 360 4.23 11.27 -0.89
CA PHE A 360 4.26 12.37 0.10
C PHE A 360 4.00 11.86 1.50
N MET A 361 4.53 12.59 2.47
CA MET A 361 4.22 12.38 3.90
C MET A 361 2.80 12.88 4.21
N TYR A 362 2.16 13.62 3.30
CA TYR A 362 0.79 14.11 3.54
C TYR A 362 -0.10 12.91 3.85
N GLU A 363 -1.18 13.18 4.55
CA GLU A 363 -1.95 12.14 5.25
C GLU A 363 -2.37 11.00 4.33
N GLU A 364 -2.94 11.27 3.16
CA GLU A 364 -3.61 10.17 2.44
C GLU A 364 -2.61 9.11 1.98
N SER A 365 -1.36 9.50 1.71
CA SER A 365 -0.31 8.57 1.27
C SER A 365 0.57 8.09 2.43
N MET A 366 0.68 8.85 3.52
CA MET A 366 1.41 8.34 4.69
C MET A 366 0.57 7.27 5.37
N ARG A 367 -0.75 7.41 5.31
CA ARG A 367 -1.66 6.40 5.88
C ARG A 367 -1.70 5.16 5.00
N THR A 368 -1.99 4.03 5.60
CA THR A 368 -2.35 2.80 4.88
C THR A 368 -3.42 2.12 5.69
N PRO A 369 -4.41 1.47 5.03
CA PRO A 369 -5.42 0.75 5.80
C PRO A 369 -4.76 -0.42 6.52
N LEU A 370 -5.34 -0.81 7.66
CA LEU A 370 -4.85 -1.99 8.39
C LEU A 370 -6.01 -2.54 9.19
N ILE A 371 -6.42 -3.74 8.83
CA ILE A 371 -7.52 -4.43 9.51
C ILE A 371 -7.07 -5.85 9.82
N MET A 372 -7.61 -6.43 10.90
CA MET A 372 -7.20 -7.79 11.28
C MET A 372 -8.38 -8.56 11.82
N ARG A 373 -8.55 -9.79 11.37
CA ARG A 373 -9.52 -10.70 12.00
C ARG A 373 -8.79 -11.41 13.12
N LEU A 374 -9.32 -11.31 14.33
CA LEU A 374 -8.59 -11.81 15.50
C LEU A 374 -9.00 -13.23 15.83
N PRO A 375 -8.01 -14.07 16.16
CA PRO A 375 -8.28 -15.46 16.48
C PRO A 375 -8.86 -15.63 17.88
N LYS A 376 -9.21 -16.86 18.18
CA LYS A 376 -9.79 -17.20 19.50
C LYS A 376 -8.80 -16.77 20.56
N GLY A 377 -9.30 -16.18 21.64
N GLY A 377 -9.31 -16.24 21.67
CA GLY A 377 -8.47 -15.67 22.76
CA GLY A 377 -8.52 -15.67 22.76
C GLY A 377 -8.23 -14.17 22.65
C GLY A 377 -8.58 -14.15 22.75
N PHE A 378 -8.72 -13.54 21.58
CA PHE A 378 -8.72 -12.07 21.45
C PHE A 378 -10.15 -11.59 21.23
N ASP A 379 -10.79 -11.03 22.24
N ASP A 379 -10.76 -11.03 22.28
CA ASP A 379 -12.22 -10.66 22.13
CA ASP A 379 -12.17 -10.61 22.28
C ASP A 379 -12.36 -9.17 21.77
C ASP A 379 -12.35 -9.20 21.74
N ARG A 380 -11.28 -8.40 21.64
CA ARG A 380 -11.46 -7.00 21.25
C ARG A 380 -12.09 -6.92 19.87
N ARG A 381 -13.03 -6.02 19.72
CA ARG A 381 -13.59 -5.67 18.39
C ARG A 381 -13.58 -4.15 18.23
N GLY A 382 -13.54 -3.70 16.98
N GLY A 382 -13.52 -3.72 16.98
CA GLY A 382 -13.76 -2.28 16.67
CA GLY A 382 -13.70 -2.32 16.60
C GLY A 382 -12.47 -1.56 16.38
C GLY A 382 -12.39 -1.58 16.45
N LYS A 383 -12.39 -0.31 16.79
CA LYS A 383 -11.35 0.61 16.32
C LYS A 383 -10.20 0.66 17.33
N ILE A 384 -9.00 0.66 16.80
CA ILE A 384 -7.77 0.89 17.58
C ILE A 384 -7.19 2.22 17.12
N THR A 385 -6.95 3.15 18.02
CA THR A 385 -6.59 4.54 17.65
C THR A 385 -5.12 4.86 17.88
N GLU A 386 -4.38 4.03 18.61
CA GLU A 386 -2.95 4.29 18.84
C GLU A 386 -2.24 4.33 17.49
N MET A 387 -1.23 5.16 17.37
N MET A 387 -1.24 5.20 17.36
N MET A 387 -1.21 5.16 17.40
CA MET A 387 -0.55 5.33 16.07
CA MET A 387 -0.46 5.36 16.10
CA MET A 387 -0.43 5.33 16.15
C MET A 387 0.39 4.14 15.83
C MET A 387 0.35 4.08 15.87
C MET A 387 0.34 4.04 15.89
N VAL A 388 0.18 3.47 14.70
CA VAL A 388 0.93 2.25 14.30
C VAL A 388 1.51 2.49 12.93
N GLN A 389 2.53 1.71 12.63
CA GLN A 389 3.26 1.89 11.36
C GLN A 389 3.67 0.52 10.86
N ASN A 390 4.01 0.44 9.58
CA ASN A 390 4.35 -0.87 8.95
C ASN A 390 5.63 -1.46 9.54
N ILE A 391 6.48 -0.67 10.19
CA ILE A 391 7.65 -1.23 10.93
C ILE A 391 7.19 -2.05 12.12
N ASP A 392 5.92 -1.97 12.52
CA ASP A 392 5.43 -2.71 13.71
C ASP A 392 4.96 -4.12 13.36
N TYR A 393 4.79 -4.43 12.08
CA TYR A 393 4.19 -5.73 11.72
C TYR A 393 5.11 -6.88 12.13
N ALA A 394 6.40 -6.77 11.82
CA ALA A 394 7.37 -7.85 12.11
C ALA A 394 7.35 -8.20 13.59
N PRO A 395 7.52 -7.26 14.54
CA PRO A 395 7.55 -7.67 15.94
C PRO A 395 6.18 -8.21 16.40
N THR A 396 5.09 -7.70 15.84
CA THR A 396 3.76 -8.24 16.15
C THR A 396 3.72 -9.73 15.79
N PHE A 397 4.12 -10.06 14.58
CA PHE A 397 4.06 -11.46 14.11
C PHE A 397 4.98 -12.34 14.94
N LEU A 398 6.19 -11.86 15.22
CA LEU A 398 7.11 -12.66 16.04
C LEU A 398 6.50 -12.92 17.41
N GLU A 399 5.94 -11.90 18.05
CA GLU A 399 5.36 -12.11 19.39
C GLU A 399 4.20 -13.10 19.29
N LEU A 400 3.32 -12.95 18.31
CA LEU A 400 2.17 -13.87 18.19
C LEU A 400 2.65 -15.30 17.95
N ALA A 401 3.79 -15.48 17.28
CA ALA A 401 4.38 -16.80 16.98
C ALA A 401 5.14 -17.36 18.19
N GLY A 402 5.28 -16.57 19.26
CA GLY A 402 6.09 -16.96 20.42
C GLY A 402 7.57 -16.95 20.10
N ALA A 403 7.98 -16.24 19.06
CA ALA A 403 9.39 -16.10 18.70
C ALA A 403 10.01 -14.91 19.41
N PRO A 404 11.32 -14.95 19.71
CA PRO A 404 11.98 -13.77 20.26
C PRO A 404 11.84 -12.58 19.32
N VAL A 405 11.76 -11.40 19.90
CA VAL A 405 11.72 -10.13 19.14
C VAL A 405 13.09 -9.49 19.26
N PRO A 406 13.88 -9.45 18.19
CA PRO A 406 15.20 -8.83 18.27
C PRO A 406 15.15 -7.34 18.62
N GLU A 407 16.12 -6.90 19.40
CA GLU A 407 16.19 -5.49 19.85
C GLU A 407 16.45 -4.55 18.68
N ASP A 408 17.07 -5.01 17.60
CA ASP A 408 17.42 -4.09 16.48
C ASP A 408 16.20 -3.68 15.66
N ILE A 409 15.07 -4.33 15.83
CA ILE A 409 13.83 -3.90 15.16
C ILE A 409 13.45 -2.50 15.63
N HIS A 410 13.03 -1.66 14.71
CA HIS A 410 12.59 -0.28 15.01
C HIS A 410 11.15 -0.23 15.52
N GLY A 411 10.28 -1.06 14.97
CA GLY A 411 8.87 -1.05 15.33
C GLY A 411 8.63 -1.68 16.67
N VAL A 412 7.35 -1.70 17.03
N VAL A 412 7.37 -1.65 17.07
CA VAL A 412 6.86 -2.12 18.36
CA VAL A 412 6.95 -2.22 18.37
C VAL A 412 5.71 -3.11 18.16
C VAL A 412 5.80 -3.16 18.09
N SER A 413 5.75 -4.26 18.83
CA SER A 413 4.67 -5.24 18.71
C SER A 413 3.32 -4.57 19.01
N LEU A 414 2.33 -4.86 18.18
CA LEU A 414 0.96 -4.35 18.36
C LEU A 414 0.14 -5.31 19.21
N VAL A 415 0.71 -6.41 19.66
CA VAL A 415 -0.08 -7.41 20.43
C VAL A 415 -0.77 -6.77 21.63
N PRO A 416 -0.15 -5.87 22.41
CA PRO A 416 -0.89 -5.27 23.52
C PRO A 416 -2.19 -4.60 23.07
N LEU A 417 -2.14 -3.92 21.93
CA LEU A 417 -3.36 -3.26 21.40
C LEU A 417 -4.41 -4.31 21.05
N LEU A 418 -3.99 -5.42 20.42
CA LEU A 418 -4.92 -6.51 20.08
C LEU A 418 -5.58 -7.07 21.33
N LYS A 419 -4.87 -7.02 22.46
CA LYS A 419 -5.36 -7.52 23.76
C LYS A 419 -6.20 -6.47 24.48
N GLY A 420 -6.38 -5.28 23.92
CA GLY A 420 -7.22 -4.24 24.55
C GLY A 420 -6.46 -3.39 25.54
N GLU A 421 -5.13 -3.45 25.55
CA GLU A 421 -4.31 -2.60 26.42
C GLU A 421 -4.05 -1.26 25.73
N HIS A 422 -3.84 -0.22 26.54
CA HIS A 422 -3.43 1.13 26.11
C HIS A 422 -2.11 1.40 26.83
N PRO A 423 -0.96 0.88 26.32
CA PRO A 423 0.30 0.98 27.05
C PRO A 423 0.65 2.45 27.33
N GLN A 424 0.99 2.76 28.58
CA GLN A 424 1.27 4.14 29.02
C GLN A 424 2.43 4.72 28.22
N ASP A 425 3.37 3.87 27.81
CA ASP A 425 4.60 4.29 27.08
C ASP A 425 4.43 4.09 25.58
N TRP A 426 3.19 4.01 25.08
CA TRP A 426 3.00 3.95 23.61
C TRP A 426 3.60 5.20 22.97
N ARG A 427 4.15 5.04 21.79
CA ARG A 427 4.75 6.17 21.06
C ARG A 427 3.76 7.33 20.97
N THR A 428 4.30 8.54 20.92
CA THR A 428 3.53 9.78 20.67
C THR A 428 3.93 10.40 19.35
N ALA A 429 4.87 9.81 18.62
CA ALA A 429 5.28 10.36 17.32
C ALA A 429 5.73 9.24 16.41
N LEU A 430 5.54 9.46 15.12
CA LEU A 430 6.08 8.59 14.06
C LEU A 430 7.06 9.40 13.22
N TYR A 431 8.04 8.68 12.70
CA TYR A 431 9.02 9.23 11.75
C TYR A 431 8.69 8.76 10.33
N TYR A 432 9.13 9.53 9.37
CA TYR A 432 8.88 9.27 7.94
C TYR A 432 10.06 9.76 7.14
N HIS A 433 10.44 9.03 6.10
CA HIS A 433 11.48 9.49 5.17
C HIS A 433 11.21 8.90 3.79
N PHE A 434 11.07 9.77 2.80
CA PHE A 434 10.87 9.44 1.39
C PHE A 434 12.09 9.94 0.60
N TYR A 435 12.56 9.13 -0.32
CA TYR A 435 13.89 9.31 -0.94
C TYR A 435 13.87 9.40 -2.46
N GLU A 436 12.78 9.05 -3.13
CA GLU A 436 12.86 8.75 -4.59
C GLU A 436 12.68 10.03 -5.41
N TYR A 437 13.76 10.78 -5.54
CA TYR A 437 13.80 12.04 -6.32
C TYR A 437 15.23 12.27 -6.72
N PRO A 438 15.52 12.75 -7.94
CA PRO A 438 14.54 12.91 -9.02
C PRO A 438 14.11 11.55 -9.56
N ALA A 439 12.85 11.44 -9.95
CA ALA A 439 12.26 10.17 -10.38
C ALA A 439 10.84 10.43 -10.85
N GLU A 440 10.20 9.38 -11.33
CA GLU A 440 8.80 9.45 -11.75
C GLU A 440 7.95 10.13 -10.66
N HIS A 441 7.10 11.04 -11.10
CA HIS A 441 6.17 11.86 -10.28
C HIS A 441 6.87 12.99 -9.55
N MET A 442 8.20 13.02 -9.52
CA MET A 442 8.99 14.20 -9.09
C MET A 442 8.51 14.75 -7.75
N VAL A 443 8.41 13.86 -6.78
CA VAL A 443 8.15 14.22 -5.37
C VAL A 443 9.50 14.38 -4.67
N LYS A 444 9.77 15.59 -4.18
N LYS A 444 9.75 15.55 -4.12
CA LYS A 444 11.03 15.92 -3.51
CA LYS A 444 11.08 15.87 -3.55
C LYS A 444 11.30 14.91 -2.38
C LYS A 444 11.34 15.04 -2.29
N ARG A 445 12.57 14.68 -2.08
N ARG A 445 12.60 14.75 -2.03
CA ARG A 445 12.93 13.91 -0.87
CA ARG A 445 13.01 13.95 -0.85
C ARG A 445 12.51 14.72 0.36
C ARG A 445 12.66 14.71 0.42
N HIS A 446 12.06 14.02 1.39
CA HIS A 446 11.64 14.67 2.63
C HIS A 446 11.60 13.68 3.75
N TYR A 447 11.81 14.19 4.96
CA TYR A 447 11.59 13.43 6.19
C TYR A 447 10.74 14.29 7.10
N GLY A 448 10.20 13.68 8.14
CA GLY A 448 9.36 14.46 9.06
C GLY A 448 8.92 13.67 10.26
N ILE A 449 8.21 14.37 11.11
CA ILE A 449 7.63 13.81 12.34
C ILE A 449 6.12 14.07 12.30
N ARG A 450 5.37 13.06 12.69
CA ARG A 450 3.92 13.21 12.85
C ARG A 450 3.58 12.85 14.29
N THR A 451 2.97 13.79 15.00
CA THR A 451 2.39 13.50 16.32
C THR A 451 0.88 13.34 16.15
N GLU A 452 0.16 13.14 17.23
CA GLU A 452 -1.31 13.05 17.16
C GLU A 452 -1.89 14.35 16.64
N ARG A 453 -1.20 15.48 16.89
N ARG A 453 -1.27 15.51 16.89
CA ARG A 453 -1.69 16.88 16.71
CA ARG A 453 -1.86 16.78 16.44
C ARG A 453 -1.00 17.62 15.56
C ARG A 453 -1.06 17.42 15.29
N TYR A 454 0.28 17.34 15.28
CA TYR A 454 1.08 18.15 14.35
C TYR A 454 1.86 17.26 13.38
N LYS A 455 2.16 17.83 12.23
CA LYS A 455 3.11 17.22 11.29
C LYS A 455 4.13 18.27 10.89
N LEU A 456 5.40 17.93 11.04
CA LEU A 456 6.50 18.81 10.61
C LEU A 456 7.28 18.06 9.54
N ILE A 457 7.42 18.68 8.39
CA ILE A 457 8.06 18.04 7.21
C ILE A 457 9.25 18.89 6.81
N HIS A 458 10.36 18.24 6.46
CA HIS A 458 11.51 18.90 5.83
C HIS A 458 11.75 18.31 4.45
N PHE A 459 11.41 19.08 3.42
CA PHE A 459 11.84 18.77 2.05
C PHE A 459 13.29 19.24 1.93
N TYR A 460 14.19 18.35 1.52
CA TYR A 460 15.63 18.65 1.62
C TYR A 460 16.39 18.40 0.32
N ASN A 461 15.77 17.82 -0.69
CA ASN A 461 16.44 17.57 -1.99
C ASN A 461 15.36 17.55 -3.05
N ASN A 462 15.32 18.54 -3.97
CA ASN A 462 16.37 19.47 -4.29
C ASN A 462 16.01 20.89 -3.83
N ILE A 463 15.13 21.02 -2.83
CA ILE A 463 14.83 22.32 -2.17
C ILE A 463 15.08 22.13 -0.69
N ASN A 464 15.06 23.23 0.05
CA ASN A 464 15.20 23.26 1.52
C ASN A 464 13.97 23.97 2.05
N TRP A 465 12.97 23.21 2.46
CA TRP A 465 11.64 23.80 2.75
C TRP A 465 10.98 23.00 3.86
N TRP A 466 10.62 23.70 4.93
CA TRP A 466 9.90 23.13 6.08
C TRP A 466 8.42 23.45 5.97
N GLU A 467 7.59 22.50 6.41
CA GLU A 467 6.14 22.69 6.50
C GLU A 467 5.65 22.20 7.86
N LEU A 468 4.64 22.88 8.38
CA LEU A 468 4.02 22.53 9.67
C LEU A 468 2.51 22.55 9.50
N TYR A 469 1.85 21.48 9.93
CA TYR A 469 0.38 21.35 9.86
C TYR A 469 -0.17 21.05 11.24
N ASP A 470 -1.26 21.72 11.55
CA ASP A 470 -2.13 21.38 12.69
C ASP A 470 -3.16 20.40 12.16
N LEU A 471 -2.99 19.11 12.43
CA LEU A 471 -3.84 18.05 11.81
C LEU A 471 -5.25 18.07 12.41
N GLN A 472 -5.44 18.68 13.58
CA GLN A 472 -6.78 18.81 14.18
C GLN A 472 -7.56 19.88 13.40
N ALA A 473 -6.96 21.05 13.23
CA ALA A 473 -7.60 22.21 12.56
C ALA A 473 -7.62 22.01 11.04
N ASP A 474 -6.63 21.28 10.51
CA ASP A 474 -6.31 21.29 9.05
C ASP A 474 -5.95 19.86 8.65
N PRO A 475 -6.89 18.90 8.76
CA PRO A 475 -6.58 17.50 8.47
C PRO A 475 -6.24 17.24 6.99
N THR A 476 -6.61 18.16 6.10
CA THR A 476 -6.30 18.03 4.65
C THR A 476 -5.05 18.83 4.28
N GLU A 477 -4.34 19.39 5.25
CA GLU A 477 -2.96 19.91 5.07
C GLU A 477 -2.92 20.97 3.96
N MET A 478 -3.80 21.96 4.10
CA MET A 478 -3.87 23.10 3.16
C MET A 478 -3.13 24.33 3.66
N HIS A 479 -2.75 24.36 4.94
N HIS A 479 -2.80 24.43 4.96
CA HIS A 479 -2.23 25.58 5.61
CA HIS A 479 -2.26 25.67 5.57
C HIS A 479 -0.87 25.29 6.22
C HIS A 479 -0.91 25.39 6.22
N ASN A 480 0.18 25.58 5.47
CA ASN A 480 1.55 25.44 5.99
C ASN A 480 1.77 26.59 6.98
N LEU A 481 1.93 26.25 8.25
CA LEU A 481 2.05 27.24 9.36
C LEU A 481 3.49 27.64 9.59
N TYR A 482 4.44 26.94 8.98
CA TYR A 482 5.87 27.14 9.30
C TYR A 482 6.25 28.60 9.03
N GLY A 483 6.89 29.23 10.02
CA GLY A 483 7.31 30.63 9.92
C GLY A 483 6.37 31.57 10.63
N GLN A 484 5.15 31.15 10.96
CA GLN A 484 4.23 31.99 11.76
C GLN A 484 4.77 32.07 13.17
N PRO A 485 4.93 33.28 13.74
CA PRO A 485 5.59 33.43 15.03
C PRO A 485 4.90 32.63 16.15
N GLU A 486 3.58 32.49 16.09
CA GLU A 486 2.78 31.82 17.15
C GLU A 486 3.03 30.31 17.12
N TYR A 487 3.71 29.78 16.08
CA TYR A 487 4.03 28.33 15.95
C TYR A 487 5.54 28.09 16.05
N GLU A 488 6.33 29.13 16.34
CA GLU A 488 7.81 29.02 16.40
C GLU A 488 8.24 27.96 17.44
N SER A 489 7.68 28.02 18.64
N SER A 489 7.68 28.04 18.65
CA SER A 489 8.05 27.11 19.76
CA SER A 489 7.99 27.14 19.79
C SER A 489 7.59 25.68 19.44
C SER A 489 7.59 25.70 19.45
N ILE A 490 6.39 25.52 18.89
CA ILE A 490 5.89 24.19 18.47
C ILE A 490 6.84 23.60 17.42
N ALA A 491 7.23 24.37 16.41
CA ALA A 491 8.15 23.89 15.35
C ALA A 491 9.49 23.47 15.98
N GLU A 492 10.04 24.28 16.88
CA GLU A 492 11.35 23.95 17.50
C GLU A 492 11.22 22.69 18.37
N GLU A 493 10.13 22.54 19.13
CA GLU A 493 9.89 21.34 19.97
C GLU A 493 9.81 20.10 19.07
N LEU A 494 9.09 20.21 17.95
CA LEU A 494 8.94 19.07 17.01
C LEU A 494 10.30 18.72 16.38
N LYS A 495 11.16 19.70 16.10
CA LYS A 495 12.50 19.39 15.56
C LYS A 495 13.31 18.61 16.59
N VAL A 496 13.24 18.98 17.87
CA VAL A 496 13.95 18.25 18.96
C VAL A 496 13.41 16.81 19.00
N GLU A 497 12.10 16.66 18.99
CA GLU A 497 11.46 15.32 19.06
C GLU A 497 11.85 14.50 17.83
N MET A 498 11.86 15.13 16.67
CA MET A 498 12.22 14.43 15.42
C MET A 498 13.68 13.97 15.47
N GLU A 499 14.59 14.82 15.93
N GLU A 499 14.57 14.83 15.94
CA GLU A 499 16.02 14.43 16.02
CA GLU A 499 16.01 14.50 16.08
C GLU A 499 16.15 13.23 16.97
C GLU A 499 16.18 13.28 17.00
N LYS A 500 15.38 13.18 18.06
CA LYS A 500 15.41 12.02 18.98
C LYS A 500 14.95 10.77 18.22
N LEU A 501 13.91 10.85 17.39
CA LEU A 501 13.50 9.69 16.56
C LEU A 501 14.61 9.33 15.59
N GLN A 502 15.27 10.31 14.98
CA GLN A 502 16.35 10.03 14.01
C GLN A 502 17.51 9.34 14.71
N GLU A 503 17.76 9.69 15.98
N GLU A 503 17.79 9.69 15.97
CA GLU A 503 18.77 9.01 16.82
CA GLU A 503 18.82 8.95 16.75
C GLU A 503 18.32 7.58 17.12
C GLU A 503 18.31 7.54 17.04
N GLN A 504 17.06 7.41 17.50
CA GLN A 504 16.47 6.09 17.83
C GLN A 504 16.57 5.13 16.65
N TYR A 505 16.28 5.62 15.46
CA TYR A 505 16.23 4.80 14.23
C TYR A 505 17.54 4.86 13.44
N ASN A 506 18.48 5.65 13.93
N ASN A 506 18.50 5.66 13.91
CA ASN A 506 19.80 5.85 13.31
CA ASN A 506 19.85 5.76 13.30
C ASN A 506 19.65 6.27 11.84
C ASN A 506 19.80 6.35 11.88
N ASP A 507 18.98 7.39 11.64
CA ASP A 507 18.88 8.01 10.30
C ASP A 507 19.99 9.05 10.21
N PRO A 508 21.02 8.82 9.36
CA PRO A 508 22.15 9.75 9.31
C PRO A 508 21.80 11.09 8.66
N VAL A 509 20.59 11.26 8.13
CA VAL A 509 20.19 12.56 7.53
C VAL A 509 20.20 13.61 8.65
N ARG A 510 20.13 13.20 9.92
CA ARG A 510 20.18 14.15 11.07
C ARG A 510 21.50 14.91 11.07
N PHE A 511 22.56 14.36 10.45
CA PHE A 511 23.91 14.99 10.40
C PHE A 511 24.03 15.95 9.21
N SER A 512 23.41 15.64 8.06
CA SER A 512 23.53 16.41 6.80
C SER A 512 22.58 15.85 5.74
N PRO A 513 21.99 16.71 4.87
CA PRO A 513 21.10 16.24 3.81
C PRO A 513 21.81 15.38 2.76
N GLU A 514 23.13 15.57 2.57
CA GLU A 514 23.96 14.81 1.60
C GLU A 514 24.23 13.39 2.13
N ARG A 515 24.00 13.17 3.43
CA ARG A 515 24.27 11.86 4.10
C ARG A 515 22.94 11.13 4.31
N ASP A 516 21.98 11.26 3.38
CA ASP A 516 20.63 10.66 3.51
C ASP A 516 20.70 9.14 3.23
N LYS A 517 21.70 8.66 2.49
N LYS A 517 21.68 8.70 2.45
CA LYS A 517 21.82 7.21 2.18
CA LYS A 517 21.90 7.26 2.12
C LYS A 517 23.25 6.74 2.48
C LYS A 517 23.32 6.86 2.52
N GLU A 518 23.48 6.25 3.69
CA GLU A 518 24.78 5.72 4.18
C GLU A 518 24.63 4.25 4.56
#